data_1T6K
#
_entry.id   1T6K
#
_cell.length_a   56.220
_cell.length_b   56.220
_cell.length_c   155.060
_cell.angle_alpha   90.00
_cell.angle_beta   90.00
_cell.angle_gamma   120.00
#
_symmetry.space_group_name_H-M   'P 32 2 1'
#
loop_
_entity.id
_entity.type
_entity.pdbx_description
1 polymer 'Phenazine biosynthesis protein phzF'
2 non-polymer 'SULFATE ION'
3 water water
#
_entity_poly.entity_id   1
_entity_poly.type   'polypeptide(L)'
_entity_poly.pdbx_seq_one_letter_code
;MHNYVIIDAFASVPLEGNPVAVFFDADDLPPAQMQRIAREMNLSESTFVLKPRNGGDALIRIFTPVNELPFAGHPLLGTA
IALGAHTDNHRLYLETQMGTIAFELERQNGSVIAASMDQPIPTWTALGRDAELLKALGISDSTFPIEIYHNGPRHVFVGL
PSIDALSALHPDHRALSNFHDMAINCFAGAGRRWRSRMFSPAYGVVEDAATGSAAGPLAIHLARHGQIEFGQPVEILQGV
EIGRPSLMFAKAEGRAEQLTRVEVSGNGVTFGRGTIVL
;
_entity_poly.pdbx_strand_id   A
#
loop_
_chem_comp.id
_chem_comp.type
_chem_comp.name
_chem_comp.formula
SO4 non-polymer 'SULFATE ION' 'O4 S -2'
#
# COMPACT_ATOMS: atom_id res chain seq x y z
N MET A 1 -24.24 -16.76 -0.84
CA MET A 1 -24.32 -15.65 -1.80
C MET A 1 -23.16 -14.89 -2.34
N HIS A 2 -22.08 -14.66 -1.60
CA HIS A 2 -20.85 -14.16 -2.25
C HIS A 2 -19.64 -14.98 -1.87
N ASN A 3 -18.82 -15.26 -2.87
CA ASN A 3 -17.51 -15.86 -2.65
C ASN A 3 -16.48 -14.77 -2.35
N TYR A 4 -15.55 -15.08 -1.45
CA TYR A 4 -14.44 -14.19 -1.19
C TYR A 4 -13.17 -14.99 -1.01
N VAL A 5 -12.05 -14.29 -1.21
CA VAL A 5 -10.76 -14.84 -0.85
C VAL A 5 -10.03 -13.82 0.04
N ILE A 6 -9.15 -14.31 0.92
CA ILE A 6 -8.26 -13.48 1.72
C ILE A 6 -6.88 -13.60 1.12
N ILE A 7 -6.34 -12.48 0.63
CA ILE A 7 -5.01 -12.47 0.03
C ILE A 7 -4.05 -11.68 0.96
N ASP A 8 -2.90 -12.28 1.31
CA ASP A 8 -1.86 -11.56 1.95
C ASP A 8 -1.03 -10.87 0.86
N ALA A 9 -1.17 -9.55 0.79
CA ALA A 9 -0.48 -8.77 -0.22
C ALA A 9 0.94 -8.39 0.24
N PHE A 10 1.85 -8.34 -0.73
CA PHE A 10 3.27 -8.11 -0.52
C PHE A 10 3.95 -9.24 0.28
N ALA A 11 3.47 -10.47 0.06
CA ALA A 11 4.03 -11.66 0.68
C ALA A 11 3.88 -12.88 -0.25
N SER A 12 4.75 -13.86 -0.08
CA SER A 12 4.54 -15.12 -0.82
C SER A 12 4.21 -16.23 0.16
N VAL A 13 4.21 -15.91 1.45
CA VAL A 13 4.02 -16.90 2.53
C VAL A 13 2.78 -16.45 3.32
N PRO A 14 1.79 -17.33 3.54
CA PRO A 14 0.61 -16.93 4.35
C PRO A 14 1.02 -16.47 5.74
N LEU A 15 0.25 -15.51 6.28
CA LEU A 15 0.46 -14.85 7.55
C LEU A 15 1.56 -13.76 7.49
N GLU A 16 2.20 -13.59 6.34
CA GLU A 16 3.13 -12.45 6.17
C GLU A 16 2.40 -11.40 5.33
N GLY A 17 3.04 -10.26 5.03
CA GLY A 17 2.37 -9.22 4.26
C GLY A 17 1.13 -8.67 4.95
N ASN A 18 0.19 -8.19 4.17
CA ASN A 18 -0.95 -7.43 4.68
C ASN A 18 -2.25 -7.96 4.10
N PRO A 19 -3.15 -8.55 4.89
CA PRO A 19 -4.32 -9.21 4.30
C PRO A 19 -5.36 -8.25 3.73
N VAL A 20 -6.02 -8.69 2.66
CA VAL A 20 -7.21 -7.98 2.17
C VAL A 20 -8.27 -9.03 1.83
N ALA A 21 -9.54 -8.75 2.07
CA ALA A 21 -10.62 -9.69 1.68
C ALA A 21 -11.17 -9.19 0.34
N VAL A 22 -11.32 -10.06 -0.64
CA VAL A 22 -11.77 -9.63 -1.97
C VAL A 22 -13.08 -10.38 -2.20
N PHE A 23 -14.15 -9.61 -2.45
CA PHE A 23 -15.49 -10.20 -2.67
C PHE A 23 -15.83 -10.13 -4.16
N PHE A 24 -16.12 -11.29 -4.75
CA PHE A 24 -16.46 -11.41 -6.18
C PHE A 24 -17.93 -11.17 -6.51
N ASP A 25 -18.22 -10.72 -7.76
CA ASP A 25 -19.62 -10.62 -8.23
C ASP A 25 -20.50 -9.79 -7.31
N ALA A 26 -20.04 -8.58 -7.02
CA ALA A 26 -20.62 -7.72 -5.99
C ALA A 26 -21.63 -6.73 -6.50
N ASP A 27 -22.01 -6.86 -7.76
CA ASP A 27 -22.92 -5.88 -8.37
C ASP A 27 -24.27 -5.76 -7.66
N ASP A 28 -24.69 -6.84 -6.99
CA ASP A 28 -25.99 -6.90 -6.31
C ASP A 28 -25.91 -6.34 -4.89
N LEU A 29 -24.71 -5.91 -4.46
CA LEU A 29 -24.52 -5.28 -3.17
C LEU A 29 -24.49 -3.75 -3.28
N PRO A 30 -25.45 -3.08 -2.67
CA PRO A 30 -25.37 -1.62 -2.55
C PRO A 30 -24.17 -1.22 -1.70
N PRO A 31 -23.66 -0.02 -1.91
CA PRO A 31 -22.47 0.39 -1.19
C PRO A 31 -22.66 0.49 0.32
N ALA A 32 -23.89 0.76 0.79
CA ALA A 32 -24.12 0.73 2.23
C ALA A 32 -23.87 -0.69 2.79
N GLN A 33 -24.22 -1.74 2.03
CA GLN A 33 -24.01 -3.14 2.38
C GLN A 33 -22.53 -3.47 2.23
N MET A 34 -21.88 -2.97 1.19
CA MET A 34 -20.43 -3.19 1.08
C MET A 34 -19.73 -2.63 2.33
N GLN A 35 -20.13 -1.43 2.77
CA GLN A 35 -19.51 -0.86 3.97
C GLN A 35 -19.75 -1.78 5.22
N ARG A 36 -20.99 -2.25 5.36
CA ARG A 36 -21.32 -3.13 6.49
C ARG A 36 -20.50 -4.43 6.46
N ILE A 37 -20.27 -4.99 5.27
CA ILE A 37 -19.46 -6.19 5.14
C ILE A 37 -18.03 -5.86 5.47
N ALA A 38 -17.55 -4.70 5.00
CA ALA A 38 -16.16 -4.36 5.35
C ALA A 38 -16.00 -4.23 6.87
N ARG A 39 -17.01 -3.65 7.55
CA ARG A 39 -17.00 -3.53 9.00
C ARG A 39 -16.98 -4.91 9.66
N GLU A 40 -17.81 -5.80 9.14
CA GLU A 40 -17.94 -7.17 9.61
C GLU A 40 -16.61 -7.89 9.49
N MET A 41 -15.93 -7.79 8.33
CA MET A 41 -14.65 -8.48 8.17
C MET A 41 -13.56 -7.85 9.03
N ASN A 42 -13.67 -6.52 9.25
CA ASN A 42 -12.68 -5.79 10.07
C ASN A 42 -11.22 -5.85 9.59
N LEU A 43 -10.97 -6.30 8.34
CA LEU A 43 -9.60 -6.23 7.81
C LEU A 43 -9.31 -4.77 7.45
N SER A 44 -8.03 -4.40 7.35
CA SER A 44 -7.72 -3.01 6.99
C SER A 44 -8.50 -2.55 5.75
N GLU A 45 -8.69 -3.44 4.77
CA GLU A 45 -9.64 -3.14 3.70
C GLU A 45 -10.31 -4.43 3.24
N SER A 46 -11.53 -4.26 2.73
CA SER A 46 -12.22 -5.29 1.94
C SER A 46 -12.50 -4.64 0.56
N THR A 47 -12.40 -5.41 -0.53
CA THR A 47 -12.72 -4.84 -1.84
C THR A 47 -13.79 -5.65 -2.51
N PHE A 48 -14.44 -5.02 -3.47
CA PHE A 48 -15.63 -5.56 -4.12
C PHE A 48 -15.45 -5.43 -5.62
N VAL A 49 -15.63 -6.56 -6.31
CA VAL A 49 -15.36 -6.65 -7.74
C VAL A 49 -16.69 -6.46 -8.48
N LEU A 50 -16.75 -5.41 -9.29
CA LEU A 50 -17.98 -4.99 -9.97
C LEU A 50 -17.75 -4.98 -11.50
N LYS A 51 -18.83 -5.02 -12.27
CA LYS A 51 -18.70 -4.89 -13.74
C LYS A 51 -18.13 -3.52 -14.09
N PRO A 52 -17.31 -3.46 -15.14
CA PRO A 52 -16.63 -2.20 -15.48
C PRO A 52 -17.63 -1.19 -16.07
N ARG A 53 -17.34 0.10 -15.88
CA ARG A 53 -18.21 1.12 -16.48
C ARG A 53 -17.52 2.00 -17.52
N ASN A 54 -16.19 1.85 -17.66
CA ASN A 54 -15.39 2.66 -18.60
C ASN A 54 -14.33 1.92 -19.42
N GLY A 55 -14.68 0.72 -19.86
CA GLY A 55 -13.78 -0.06 -20.68
C GLY A 55 -12.69 -0.84 -20.02
N GLY A 56 -12.69 -0.88 -18.69
CA GLY A 56 -11.70 -1.69 -17.98
C GLY A 56 -12.18 -3.11 -17.88
N ASP A 57 -11.40 -3.92 -17.18
CA ASP A 57 -11.81 -5.30 -16.92
C ASP A 57 -12.83 -5.48 -15.80
N ALA A 58 -12.75 -4.62 -14.79
CA ALA A 58 -13.62 -4.69 -13.60
C ALA A 58 -13.48 -3.36 -12.91
N LEU A 59 -14.50 -2.99 -12.12
CA LEU A 59 -14.49 -1.81 -11.28
C LEU A 59 -14.32 -2.33 -9.86
N ILE A 60 -13.34 -1.78 -9.15
CA ILE A 60 -13.05 -2.22 -7.76
C ILE A 60 -13.41 -1.11 -6.80
N ARG A 61 -14.27 -1.38 -5.81
CA ARG A 61 -14.44 -0.47 -4.68
C ARG A 61 -13.75 -0.97 -3.43
N ILE A 62 -13.09 -0.05 -2.71
CA ILE A 62 -12.22 -0.37 -1.62
C ILE A 62 -12.82 0.25 -0.36
N PHE A 63 -13.00 -0.55 0.68
CA PHE A 63 -13.57 -0.04 1.94
C PHE A 63 -12.70 -0.41 3.11
N THR A 64 -12.42 0.56 4.00
CA THR A 64 -11.94 0.19 5.33
C THR A 64 -13.17 -0.21 6.12
N PRO A 65 -13.03 -0.67 7.37
CA PRO A 65 -14.19 -0.91 8.22
C PRO A 65 -15.08 0.33 8.43
N VAL A 66 -14.58 1.53 8.11
CA VAL A 66 -15.30 2.77 8.41
C VAL A 66 -15.68 3.58 7.20
N ASN A 67 -14.84 3.61 6.15
CA ASN A 67 -15.17 4.43 4.98
C ASN A 67 -14.66 3.83 3.68
N GLU A 68 -15.18 4.32 2.56
CA GLU A 68 -14.61 4.04 1.23
C GLU A 68 -13.31 4.83 0.96
N LEU A 69 -12.38 4.19 0.26
CA LEU A 69 -11.12 4.81 -0.14
C LEU A 69 -11.07 4.94 -1.66
N PRO A 70 -10.54 6.04 -2.19
CA PRO A 70 -10.42 6.13 -3.65
C PRO A 70 -9.23 5.36 -4.20
N PHE A 71 -8.20 5.13 -3.38
CA PHE A 71 -7.02 4.40 -3.83
C PHE A 71 -6.38 3.72 -2.65
N ALA A 72 -5.94 2.49 -2.83
CA ALA A 72 -5.07 1.86 -1.83
C ALA A 72 -4.18 0.82 -2.51
N GLY A 73 -2.89 0.77 -2.15
CA GLY A 73 -1.91 -0.05 -2.86
C GLY A 73 -2.06 -1.53 -2.54
N HIS A 74 -1.93 -1.91 -1.26
CA HIS A 74 -1.99 -3.34 -0.93
C HIS A 74 -3.36 -3.93 -1.25
N PRO A 75 -4.47 -3.24 -1.01
CA PRO A 75 -5.79 -3.81 -1.39
C PRO A 75 -5.96 -4.03 -2.88
N LEU A 76 -5.43 -3.11 -3.66
CA LEU A 76 -5.51 -3.27 -5.09
C LEU A 76 -4.63 -4.38 -5.61
N LEU A 77 -3.40 -4.45 -5.09
CA LEU A 77 -2.51 -5.55 -5.46
C LEU A 77 -3.18 -6.90 -5.15
N GLY A 78 -3.73 -7.02 -3.93
CA GLY A 78 -4.42 -8.28 -3.55
C GLY A 78 -5.61 -8.61 -4.41
N THR A 79 -6.40 -7.60 -4.74
CA THR A 79 -7.51 -7.77 -5.64
C THR A 79 -7.06 -8.31 -7.02
N ALA A 80 -6.02 -7.70 -7.59
CA ALA A 80 -5.48 -8.10 -8.92
C ALA A 80 -5.01 -9.54 -8.83
N ILE A 81 -4.37 -9.93 -7.73
CA ILE A 81 -3.88 -11.30 -7.61
C ILE A 81 -5.06 -12.27 -7.48
N ALA A 82 -6.08 -11.87 -6.72
CA ALA A 82 -7.30 -12.69 -6.55
C ALA A 82 -8.03 -12.86 -7.86
N LEU A 83 -8.20 -11.75 -8.61
CA LEU A 83 -9.03 -11.79 -9.81
C LEU A 83 -8.30 -12.49 -10.95
N GLY A 84 -6.97 -12.44 -10.86
CA GLY A 84 -6.09 -13.06 -11.83
C GLY A 84 -6.32 -14.55 -11.89
N ALA A 85 -6.87 -15.11 -10.83
CA ALA A 85 -7.27 -16.52 -10.81
C ALA A 85 -8.42 -16.90 -11.75
N HIS A 86 -9.21 -15.91 -12.18
CA HIS A 86 -10.42 -16.13 -13.01
C HIS A 86 -10.30 -15.57 -14.42
N THR A 87 -9.07 -15.23 -14.81
CA THR A 87 -8.78 -14.80 -16.15
C THR A 87 -7.45 -15.37 -16.59
N ASP A 88 -7.25 -15.35 -17.91
CA ASP A 88 -6.02 -15.78 -18.55
C ASP A 88 -5.21 -14.56 -19.03
N ASN A 89 -5.80 -13.37 -19.00
CA ASN A 89 -5.14 -12.19 -19.56
C ASN A 89 -3.86 -11.86 -18.83
N HIS A 90 -2.88 -11.35 -19.58
CA HIS A 90 -1.54 -11.02 -19.09
C HIS A 90 -1.60 -9.76 -18.24
N ARG A 91 -2.47 -8.83 -18.67
CA ARG A 91 -2.61 -7.50 -18.08
C ARG A 91 -4.04 -7.43 -17.55
N LEU A 92 -4.25 -6.66 -16.48
CA LEU A 92 -5.56 -6.54 -15.88
C LEU A 92 -5.81 -5.03 -15.64
N TYR A 93 -6.91 -4.48 -16.17
CA TYR A 93 -7.24 -3.04 -16.07
C TYR A 93 -8.35 -2.88 -15.03
N LEU A 94 -8.01 -2.30 -13.91
CA LEU A 94 -8.93 -2.18 -12.75
C LEU A 94 -9.39 -0.72 -12.59
N GLU A 95 -10.68 -0.51 -12.77
CA GLU A 95 -11.25 0.81 -12.62
C GLU A 95 -11.40 1.11 -11.12
N THR A 96 -11.05 2.33 -10.76
CA THR A 96 -11.21 2.74 -9.36
C THR A 96 -11.81 4.10 -9.43
N GLN A 97 -12.14 4.63 -8.25
CA GLN A 97 -12.72 5.97 -8.16
C GLN A 97 -11.81 6.99 -8.83
N MET A 98 -10.50 6.73 -8.77
CA MET A 98 -9.52 7.64 -9.32
C MET A 98 -9.01 7.28 -10.73
N GLY A 99 -9.70 6.38 -11.41
CA GLY A 99 -9.22 6.02 -12.74
C GLY A 99 -8.82 4.57 -12.86
N THR A 100 -8.37 4.20 -14.03
CA THR A 100 -8.12 2.78 -14.35
C THR A 100 -6.63 2.51 -14.10
N ILE A 101 -6.35 1.50 -13.27
CA ILE A 101 -4.96 1.19 -12.89
C ILE A 101 -4.61 -0.08 -13.64
N ALA A 102 -3.49 0.00 -14.34
CA ALA A 102 -3.00 -1.08 -15.18
C ALA A 102 -2.15 -2.01 -14.29
N PHE A 103 -2.53 -3.30 -14.29
CA PHE A 103 -1.78 -4.34 -13.58
C PHE A 103 -1.17 -5.35 -14.56
N GLU A 104 0.11 -5.63 -14.43
CA GLU A 104 0.72 -6.79 -15.12
C GLU A 104 0.73 -7.97 -14.16
N LEU A 105 0.14 -9.12 -14.54
CA LEU A 105 0.07 -10.27 -13.65
C LEU A 105 1.22 -11.23 -13.96
N GLU A 106 1.75 -11.82 -12.92
CA GLU A 106 2.84 -12.81 -13.08
C GLU A 106 2.36 -14.16 -12.59
N ARG A 107 2.44 -15.14 -13.47
CA ARG A 107 1.89 -16.46 -13.14
C ARG A 107 2.90 -17.56 -13.13
N GLN A 108 2.59 -18.64 -12.43
CA GLN A 108 3.32 -19.89 -12.65
C GLN A 108 2.25 -21.01 -12.67
N ASN A 109 2.17 -21.72 -13.77
CA ASN A 109 1.16 -22.80 -13.91
C ASN A 109 -0.27 -22.31 -13.63
N GLY A 110 -0.62 -21.17 -14.19
CA GLY A 110 -1.96 -20.61 -14.01
C GLY A 110 -2.21 -19.91 -12.68
N SER A 111 -1.30 -20.03 -11.73
CA SER A 111 -1.43 -19.37 -10.42
C SER A 111 -0.79 -17.96 -10.48
N VAL A 112 -1.54 -16.88 -10.15
CA VAL A 112 -0.92 -15.55 -10.09
C VAL A 112 -0.18 -15.45 -8.78
N ILE A 113 1.14 -15.28 -8.84
CA ILE A 113 1.97 -15.17 -7.67
C ILE A 113 2.40 -13.73 -7.37
N ALA A 114 2.26 -12.84 -8.35
CA ALA A 114 2.72 -11.46 -8.19
C ALA A 114 2.07 -10.56 -9.21
N ALA A 115 2.12 -9.26 -8.94
CA ALA A 115 1.66 -8.29 -9.90
C ALA A 115 2.37 -6.96 -9.74
N SER A 116 2.31 -6.15 -10.79
CA SER A 116 2.91 -4.84 -10.80
C SER A 116 1.82 -3.86 -11.18
N MET A 117 1.75 -2.71 -10.49
CA MET A 117 0.81 -1.64 -10.83
C MET A 117 1.49 -0.31 -11.11
N ASP A 118 0.82 0.52 -11.92
CA ASP A 118 1.28 1.87 -12.15
C ASP A 118 0.43 2.74 -11.26
N GLN A 119 1.06 3.42 -10.33
CA GLN A 119 0.33 4.17 -9.34
C GLN A 119 0.04 5.62 -9.80
N PRO A 120 -0.92 6.26 -9.14
CA PRO A 120 -1.13 7.71 -9.30
C PRO A 120 0.20 8.43 -8.98
N ILE A 121 0.49 9.49 -9.73
CA ILE A 121 1.72 10.27 -9.49
C ILE A 121 1.52 11.15 -8.27
N PRO A 122 2.35 11.00 -7.24
CA PRO A 122 2.14 11.79 -6.01
C PRO A 122 2.55 13.24 -6.17
N THR A 123 2.13 14.04 -5.19
CA THR A 123 2.68 15.38 -5.00
C THR A 123 3.28 15.43 -3.63
N TRP A 124 4.02 16.50 -3.29
CA TRP A 124 4.73 16.52 -2.02
C TRP A 124 5.15 17.92 -1.65
N THR A 125 5.38 18.14 -0.37
CA THR A 125 5.92 19.38 0.11
C THR A 125 6.54 19.13 1.50
N ALA A 126 7.31 20.09 2.02
CA ALA A 126 7.82 19.90 3.37
C ALA A 126 6.65 19.77 4.36
N LEU A 127 6.80 18.93 5.37
CA LEU A 127 5.76 18.79 6.39
C LEU A 127 5.66 20.10 7.22
N GLY A 128 6.82 20.65 7.57
CA GLY A 128 6.86 21.86 8.38
C GLY A 128 6.43 21.75 9.85
N ARG A 129 6.47 20.53 10.41
CA ARG A 129 6.24 20.28 11.82
C ARG A 129 7.34 19.34 12.28
N ASP A 130 8.58 19.63 11.94
CA ASP A 130 9.66 18.70 12.24
C ASP A 130 9.90 18.50 13.69
N ALA A 131 9.99 19.55 14.53
CA ALA A 131 10.36 19.29 15.90
C ALA A 131 9.25 18.47 16.61
N GLU A 132 8.00 18.74 16.26
CA GLU A 132 6.85 18.02 16.85
C GLU A 132 6.92 16.54 16.49
N LEU A 133 7.15 16.27 15.21
CA LEU A 133 7.14 14.89 14.71
C LEU A 133 8.32 14.13 15.29
N LEU A 134 9.52 14.74 15.22
CA LEU A 134 10.72 14.12 15.79
C LEU A 134 10.56 13.80 17.29
N LYS A 135 9.97 14.74 18.03
CA LYS A 135 9.75 14.51 19.47
C LYS A 135 8.85 13.27 19.69
N ALA A 136 7.79 13.21 18.91
CA ALA A 136 6.81 12.09 18.97
C ALA A 136 7.49 10.77 18.65
N LEU A 137 8.39 10.79 17.67
CA LEU A 137 9.13 9.58 17.30
C LEU A 137 10.20 9.24 18.30
N GLY A 138 10.61 10.23 19.12
CA GLY A 138 11.63 10.05 20.14
C GLY A 138 13.07 10.16 19.62
N ILE A 139 13.27 10.88 18.50
CA ILE A 139 14.65 11.08 18.01
C ILE A 139 14.96 12.53 17.80
N SER A 140 16.23 12.88 17.61
CA SER A 140 16.56 14.30 17.47
C SER A 140 16.37 14.92 16.08
N ASP A 141 16.60 14.16 15.01
CA ASP A 141 16.66 14.73 13.66
C ASP A 141 16.43 13.58 12.65
N SER A 142 16.02 13.94 11.44
CA SER A 142 15.92 13.01 10.31
C SER A 142 17.27 13.05 9.57
N THR A 143 17.53 12.04 8.72
CA THR A 143 18.64 12.15 7.75
C THR A 143 18.20 13.03 6.60
N PHE A 144 17.18 12.62 5.85
CA PHE A 144 16.72 13.35 4.66
C PHE A 144 15.55 14.29 5.04
N PRO A 145 15.22 15.29 4.20
CA PRO A 145 14.15 16.24 4.51
C PRO A 145 12.82 15.56 4.86
N ILE A 146 12.11 16.07 5.86
CA ILE A 146 10.85 15.44 6.26
C ILE A 146 9.76 16.00 5.35
N GLU A 147 9.31 15.17 4.41
CA GLU A 147 8.39 15.66 3.40
C GLU A 147 7.17 14.80 3.43
N ILE A 148 6.05 15.40 3.10
CA ILE A 148 4.77 14.69 3.10
C ILE A 148 4.27 14.58 1.68
N TYR A 149 3.91 13.33 1.28
CA TYR A 149 3.48 13.01 -0.08
C TYR A 149 2.02 12.71 -0.11
N HIS A 150 1.38 13.10 -1.22
CA HIS A 150 -0.04 12.85 -1.39
C HIS A 150 -0.30 12.09 -2.65
N ASN A 151 -0.96 10.93 -2.53
CA ASN A 151 -1.49 10.23 -3.69
C ASN A 151 -2.88 9.61 -3.43
N GLY A 152 -3.68 10.29 -2.62
CA GLY A 152 -4.89 9.68 -2.04
C GLY A 152 -4.73 9.84 -0.56
N PRO A 153 -4.08 8.83 0.07
CA PRO A 153 -3.59 9.01 1.41
C PRO A 153 -2.40 10.01 1.39
N ARG A 154 -1.95 10.42 2.56
CA ARG A 154 -0.72 11.24 2.70
C ARG A 154 0.30 10.44 3.54
N HIS A 155 1.57 10.49 3.12
CA HIS A 155 2.64 9.75 3.82
C HIS A 155 3.84 10.68 4.01
N VAL A 156 4.29 10.77 5.25
CA VAL A 156 5.46 11.58 5.61
C VAL A 156 6.60 10.65 5.80
N PHE A 157 7.80 11.04 5.34
CA PHE A 157 8.98 10.20 5.44
C PHE A 157 10.04 10.75 6.32
N VAL A 158 10.48 9.93 7.28
CA VAL A 158 11.52 10.37 8.24
C VAL A 158 12.63 9.33 8.13
N GLY A 159 13.84 9.75 7.83
CA GLY A 159 14.94 8.82 7.61
C GLY A 159 15.84 8.63 8.82
N LEU A 160 16.27 7.38 9.03
CA LEU A 160 17.09 6.96 10.17
C LEU A 160 18.44 6.55 9.61
N PRO A 161 19.49 6.70 10.40
CA PRO A 161 20.85 6.51 9.89
C PRO A 161 21.26 5.05 9.79
N SER A 162 20.49 4.15 10.36
CA SER A 162 20.77 2.71 10.18
C SER A 162 19.52 1.88 10.41
N ILE A 163 19.56 0.63 9.96
CA ILE A 163 18.45 -0.27 10.21
C ILE A 163 18.28 -0.49 11.72
N ASP A 164 19.38 -0.62 12.45
CA ASP A 164 19.22 -0.79 13.91
C ASP A 164 18.45 0.38 14.55
N ALA A 165 18.81 1.61 14.19
CA ALA A 165 18.12 2.80 14.66
C ALA A 165 16.66 2.80 14.30
N LEU A 166 16.32 2.26 13.14
CA LEU A 166 14.94 2.16 12.71
C LEU A 166 14.19 1.19 13.65
N SER A 167 14.83 0.05 13.93
CA SER A 167 14.19 -0.96 14.80
C SER A 167 14.04 -0.51 16.24
N ALA A 168 14.96 0.33 16.69
CA ALA A 168 14.95 0.87 18.06
C ALA A 168 13.90 1.93 18.31
N LEU A 169 13.24 2.42 17.26
CA LEU A 169 12.21 3.39 17.44
C LEU A 169 11.07 2.84 18.32
N HIS A 170 10.61 3.67 19.26
CA HIS A 170 9.45 3.41 20.13
C HIS A 170 8.63 4.69 20.19
N PRO A 171 7.78 4.95 19.21
CA PRO A 171 7.11 6.26 19.11
C PRO A 171 6.04 6.48 20.17
N ASP A 172 5.79 7.74 20.46
CA ASP A 172 4.69 8.14 21.35
C ASP A 172 3.44 8.22 20.50
N HIS A 173 2.66 7.13 20.52
CA HIS A 173 1.48 7.04 19.67
C HIS A 173 0.41 8.07 19.97
N ARG A 174 0.30 8.46 21.25
CA ARG A 174 -0.60 9.59 21.59
C ARG A 174 -0.17 10.92 20.90
N ALA A 175 1.14 11.20 20.92
CA ALA A 175 1.73 12.35 20.24
C ALA A 175 1.55 12.29 18.72
N LEU A 176 1.72 11.10 18.17
CA LEU A 176 1.46 10.89 16.74
C LEU A 176 0.01 11.17 16.35
N SER A 177 -0.96 11.00 17.27
CA SER A 177 -2.36 11.21 16.90
C SER A 177 -2.67 12.66 16.55
N ASN A 178 -1.76 13.57 16.92
CA ASN A 178 -1.91 14.94 16.48
C ASN A 178 -1.62 15.17 14.97
N PHE A 179 -1.12 14.14 14.28
CA PHE A 179 -0.90 14.25 12.84
C PHE A 179 -2.09 13.63 12.12
N HIS A 180 -2.98 14.47 11.63
CA HIS A 180 -4.24 14.01 11.04
C HIS A 180 -4.08 13.68 9.56
N ASP A 181 -4.94 12.78 9.09
CA ASP A 181 -5.01 12.38 7.68
C ASP A 181 -3.61 12.12 7.05
N MET A 182 -2.79 11.36 7.75
CA MET A 182 -1.49 10.96 7.20
C MET A 182 -0.97 9.76 7.90
N ALA A 183 0.02 9.12 7.27
CA ALA A 183 0.84 8.09 7.93
C ALA A 183 2.31 8.47 8.03
N ILE A 184 2.95 8.05 9.11
CA ILE A 184 4.35 8.36 9.37
C ILE A 184 5.21 7.14 8.97
N ASN A 185 6.07 7.33 7.97
CA ASN A 185 6.87 6.24 7.41
C ASN A 185 8.31 6.55 7.73
N CYS A 186 8.94 5.67 8.51
CA CYS A 186 10.32 5.81 8.93
C CYS A 186 11.12 4.82 8.13
N PHE A 187 12.30 5.22 7.65
CA PHE A 187 13.04 4.32 6.74
C PHE A 187 14.55 4.36 6.97
N ALA A 188 15.23 3.35 6.46
CA ALA A 188 16.71 3.25 6.56
C ALA A 188 17.15 2.24 5.55
N GLY A 189 18.39 2.34 5.12
CA GLY A 189 18.90 1.43 4.14
C GLY A 189 20.03 2.03 3.34
N ALA A 190 20.24 1.47 2.16
CA ALA A 190 21.37 1.81 1.31
C ALA A 190 21.14 1.14 -0.05
N GLY A 191 21.51 1.82 -1.13
CA GLY A 191 21.51 1.19 -2.44
C GLY A 191 20.12 0.74 -2.85
N ARG A 192 19.99 -0.54 -3.17
CA ARG A 192 18.75 -1.11 -3.69
C ARG A 192 17.80 -1.48 -2.55
N ARG A 193 18.32 -1.63 -1.31
CA ARG A 193 17.58 -2.27 -0.22
C ARG A 193 17.26 -1.38 0.97
N TRP A 194 15.97 -1.25 1.24
CA TRP A 194 15.50 -0.28 2.23
C TRP A 194 14.56 -0.99 3.17
N ARG A 195 14.48 -0.48 4.39
CA ARG A 195 13.58 -0.98 5.42
C ARG A 195 12.68 0.17 5.84
N SER A 196 11.44 -0.15 6.20
CA SER A 196 10.44 0.85 6.58
C SER A 196 9.61 0.36 7.77
N ARG A 197 9.12 1.30 8.56
CA ARG A 197 8.05 1.06 9.51
C ARG A 197 7.06 2.19 9.31
N MET A 198 5.78 1.85 9.37
CA MET A 198 4.75 2.84 9.23
C MET A 198 3.87 2.85 10.47
N PHE A 199 3.58 4.06 10.94
CA PHE A 199 2.66 4.27 12.07
C PHE A 199 1.56 5.23 11.67
N SER A 200 0.28 4.93 11.97
CA SER A 200 -0.76 5.92 11.64
C SER A 200 -2.03 5.87 12.47
N PRO A 201 -2.06 6.69 13.52
CA PRO A 201 -3.29 6.92 14.25
C PRO A 201 -4.44 7.40 13.34
N ALA A 202 -4.20 8.34 12.42
CA ALA A 202 -5.26 8.81 11.51
C ALA A 202 -5.93 7.67 10.73
N TYR A 203 -5.12 6.71 10.26
CA TYR A 203 -5.62 5.57 9.43
C TYR A 203 -5.90 4.28 10.24
N GLY A 204 -5.80 4.38 11.56
CA GLY A 204 -6.33 3.36 12.46
C GLY A 204 -5.41 2.18 12.64
N VAL A 205 -4.12 2.44 12.48
CA VAL A 205 -3.18 1.33 12.60
C VAL A 205 -2.01 1.78 13.45
N VAL A 206 -1.70 1.02 14.50
CA VAL A 206 -0.56 1.37 15.36
C VAL A 206 0.76 1.25 14.57
N GLU A 207 0.97 0.11 13.93
CA GLU A 207 2.10 -0.07 13.03
C GLU A 207 1.65 -0.98 11.88
N ASP A 208 1.90 -0.53 10.65
CA ASP A 208 1.34 -1.20 9.49
C ASP A 208 2.32 -2.21 8.96
N ALA A 209 1.80 -3.31 8.39
CA ALA A 209 2.66 -4.31 7.76
C ALA A 209 3.21 -3.93 6.37
N ALA A 210 2.35 -3.36 5.52
CA ALA A 210 2.76 -3.12 4.13
C ALA A 210 1.98 -1.95 3.65
N THR A 211 2.66 -0.80 3.55
CA THR A 211 2.01 0.40 3.16
C THR A 211 2.27 0.61 1.66
N GLY A 212 1.48 -0.10 0.84
CA GLY A 212 1.58 -0.09 -0.62
C GLY A 212 1.60 1.31 -1.24
N SER A 213 0.80 2.23 -0.70
CA SER A 213 0.73 3.55 -1.30
C SER A 213 1.93 4.42 -0.86
N ALA A 214 2.75 3.96 0.08
CA ALA A 214 3.94 4.74 0.47
C ALA A 214 5.17 4.29 -0.32
N ALA A 215 5.10 3.09 -0.93
CA ALA A 215 6.26 2.54 -1.66
C ALA A 215 6.70 3.44 -2.85
N GLY A 216 5.74 3.91 -3.66
CA GLY A 216 6.05 4.79 -4.79
C GLY A 216 6.66 6.12 -4.32
N PRO A 217 5.96 6.83 -3.42
CA PRO A 217 6.50 8.05 -2.78
C PRO A 217 7.88 7.81 -2.16
N LEU A 218 8.14 6.64 -1.54
CA LEU A 218 9.51 6.43 -1.02
C LEU A 218 10.57 6.38 -2.12
N ALA A 219 10.29 5.68 -3.21
CA ALA A 219 11.22 5.63 -4.35
C ALA A 219 11.46 7.07 -4.90
N ILE A 220 10.41 7.89 -4.99
CA ILE A 220 10.60 9.30 -5.37
C ILE A 220 11.48 10.06 -4.39
N HIS A 221 11.21 9.89 -3.09
CA HIS A 221 11.96 10.58 -2.03
C HIS A 221 13.46 10.24 -2.13
N LEU A 222 13.76 8.94 -2.23
CA LEU A 222 15.14 8.45 -2.35
C LEU A 222 15.86 9.00 -3.57
N ALA A 223 15.14 9.09 -4.70
CA ALA A 223 15.78 9.56 -5.96
C ALA A 223 15.97 11.06 -5.87
N ARG A 224 14.97 11.76 -5.35
CA ARG A 224 15.09 13.21 -5.25
C ARG A 224 16.29 13.54 -4.36
N HIS A 225 16.44 12.76 -3.29
CA HIS A 225 17.50 13.05 -2.32
C HIS A 225 18.82 12.33 -2.58
N GLY A 226 18.94 11.84 -3.81
CA GLY A 226 20.24 11.40 -4.32
C GLY A 226 20.68 10.02 -3.82
N GLN A 227 19.79 9.23 -3.22
CA GLN A 227 20.22 7.91 -2.68
C GLN A 227 20.06 6.79 -3.70
N ILE A 228 19.19 7.01 -4.65
CA ILE A 228 19.08 6.13 -5.85
C ILE A 228 18.85 7.06 -7.04
N GLU A 229 18.94 6.54 -8.24
CA GLU A 229 18.47 7.31 -9.41
C GLU A 229 16.99 7.12 -9.76
N PHE A 230 16.43 8.09 -10.46
CA PHE A 230 15.13 7.90 -11.08
C PHE A 230 15.30 6.74 -12.06
N GLY A 231 14.31 5.86 -12.12
CA GLY A 231 14.40 4.65 -12.92
C GLY A 231 15.08 3.43 -12.29
N GLN A 232 15.63 3.56 -11.09
CA GLN A 232 16.28 2.44 -10.45
C GLN A 232 15.25 1.77 -9.51
N PRO A 233 15.05 0.43 -9.61
CA PRO A 233 14.09 -0.23 -8.70
C PRO A 233 14.64 -0.38 -7.29
N VAL A 234 13.80 -0.23 -6.27
CA VAL A 234 14.24 -0.44 -4.90
C VAL A 234 13.39 -1.53 -4.32
N GLU A 235 13.96 -2.22 -3.35
CA GLU A 235 13.26 -3.21 -2.57
C GLU A 235 13.02 -2.56 -1.20
N ILE A 236 11.75 -2.52 -0.77
CA ILE A 236 11.40 -1.95 0.54
C ILE A 236 10.82 -3.05 1.41
N LEU A 237 11.51 -3.35 2.51
CA LEU A 237 11.05 -4.37 3.43
C LEU A 237 10.45 -3.70 4.67
N GLN A 238 9.16 -3.96 4.89
CA GLN A 238 8.40 -3.38 5.96
C GLN A 238 7.91 -4.43 6.95
N GLY A 239 7.67 -4.00 8.19
CA GLY A 239 6.86 -4.79 9.10
C GLY A 239 7.65 -5.90 9.79
N VAL A 240 8.99 -5.85 9.71
CA VAL A 240 9.85 -6.92 10.25
C VAL A 240 9.72 -6.96 11.79
N GLU A 241 9.79 -5.78 12.39
CA GLU A 241 9.76 -5.63 13.84
C GLU A 241 8.47 -6.20 14.47
N ILE A 242 7.36 -6.09 13.76
CA ILE A 242 6.07 -6.56 14.27
C ILE A 242 5.70 -7.96 13.74
N GLY A 243 6.66 -8.62 13.10
CA GLY A 243 6.51 -10.01 12.67
C GLY A 243 5.59 -10.18 11.48
N ARG A 244 5.42 -9.12 10.69
CA ARG A 244 4.69 -9.21 9.45
C ARG A 244 5.48 -8.69 8.24
N PRO A 245 6.57 -9.38 7.92
CA PRO A 245 7.44 -8.93 6.83
C PRO A 245 6.67 -8.81 5.54
N SER A 246 6.88 -7.67 4.87
CA SER A 246 6.21 -7.34 3.64
C SER A 246 7.25 -6.77 2.68
N LEU A 247 7.33 -7.32 1.49
CA LEU A 247 8.35 -6.88 0.52
C LEU A 247 7.68 -6.12 -0.60
N MET A 248 8.02 -4.83 -0.77
CA MET A 248 7.40 -3.99 -1.82
C MET A 248 8.51 -3.57 -2.78
N PHE A 249 8.29 -3.62 -4.09
CA PHE A 249 9.32 -3.18 -5.03
C PHE A 249 8.80 -1.92 -5.68
N ALA A 250 9.64 -0.92 -5.86
CA ALA A 250 9.10 0.34 -6.43
C ALA A 250 10.11 0.98 -7.34
N LYS A 251 9.64 1.79 -8.27
CA LYS A 251 10.54 2.46 -9.20
C LYS A 251 9.83 3.70 -9.63
N ALA A 252 10.56 4.82 -9.69
CA ALA A 252 9.96 6.08 -10.12
C ALA A 252 10.71 6.52 -11.36
N GLU A 253 10.00 6.59 -12.47
CA GLU A 253 10.65 6.93 -13.75
C GLU A 253 10.43 8.42 -14.09
N GLY A 254 11.48 9.02 -14.67
CA GLY A 254 11.40 10.37 -15.21
C GLY A 254 12.31 11.25 -14.38
N ARG A 255 11.78 12.36 -13.89
CA ARG A 255 12.51 13.23 -13.01
C ARG A 255 11.48 13.90 -12.10
N ALA A 256 11.92 14.59 -11.05
CA ALA A 256 11.00 15.05 -10.04
C ALA A 256 9.86 15.89 -10.61
N GLU A 257 10.25 16.77 -11.54
CA GLU A 257 9.42 17.76 -12.17
C GLU A 257 8.49 17.15 -13.26
N GLN A 258 8.84 15.96 -13.73
CA GLN A 258 8.09 15.30 -14.77
C GLN A 258 8.22 13.79 -14.56
N LEU A 259 7.47 13.26 -13.61
CA LEU A 259 7.43 11.82 -13.38
C LEU A 259 6.54 11.13 -14.43
N THR A 260 7.08 10.10 -15.05
CA THR A 260 6.45 9.37 -16.14
C THR A 260 5.61 8.16 -15.64
N ARG A 261 6.12 7.47 -14.63
CA ARG A 261 5.49 6.24 -14.15
C ARG A 261 5.98 6.00 -12.71
N VAL A 262 5.10 5.52 -11.84
CA VAL A 262 5.53 5.12 -10.51
C VAL A 262 5.00 3.70 -10.39
N GLU A 263 5.93 2.75 -10.43
CA GLU A 263 5.60 1.35 -10.51
C GLU A 263 5.77 0.76 -9.13
N VAL A 264 4.78 0.00 -8.66
CA VAL A 264 4.94 -0.73 -7.43
C VAL A 264 4.47 -2.16 -7.68
N SER A 265 5.26 -3.11 -7.23
CA SER A 265 4.90 -4.51 -7.45
C SER A 265 5.19 -5.36 -6.24
N GLY A 266 4.58 -6.53 -6.20
CA GLY A 266 4.94 -7.45 -5.12
C GLY A 266 4.22 -8.78 -5.27
N ASN A 267 4.57 -9.70 -4.39
CA ASN A 267 3.95 -11.00 -4.35
C ASN A 267 2.60 -10.93 -3.60
N GLY A 268 1.72 -11.90 -3.87
CA GLY A 268 0.50 -12.05 -3.08
C GLY A 268 0.27 -13.57 -2.92
N VAL A 269 -0.33 -13.98 -1.79
CA VAL A 269 -0.64 -15.39 -1.57
C VAL A 269 -2.04 -15.52 -0.92
N THR A 270 -2.77 -16.58 -1.26
CA THR A 270 -4.07 -16.84 -0.68
C THR A 270 -3.91 -17.36 0.75
N PHE A 271 -4.54 -16.70 1.72
CA PHE A 271 -4.55 -17.24 3.08
C PHE A 271 -5.83 -18.12 3.30
N GLY A 272 -6.95 -17.72 2.72
CA GLY A 272 -8.20 -18.44 2.94
C GLY A 272 -9.20 -18.14 1.88
N ARG A 273 -10.30 -18.90 1.84
CA ARG A 273 -11.32 -18.69 0.82
C ARG A 273 -12.64 -19.01 1.52
N GLY A 274 -13.73 -18.34 1.18
CA GLY A 274 -14.99 -18.71 1.79
C GLY A 274 -16.18 -18.17 1.04
N THR A 275 -17.34 -18.28 1.68
CA THR A 275 -18.54 -17.66 1.16
C THR A 275 -19.27 -16.98 2.29
N ILE A 276 -19.93 -15.89 1.98
CA ILE A 276 -20.79 -15.24 2.97
C ILE A 276 -22.27 -15.44 2.59
N VAL A 277 -23.14 -15.28 3.60
CA VAL A 277 -24.58 -15.59 3.44
C VAL A 277 -25.43 -14.45 2.84
N LEU A 278 -24.80 -13.37 2.44
CA LEU A 278 -25.59 -12.35 1.71
C LEU A 278 -24.76 -11.78 0.56
S SO4 B . -2.03 0.95 1.32
O1 SO4 B . -3.41 0.68 1.71
O2 SO4 B . -2.16 1.92 0.26
O3 SO4 B . -1.36 -0.24 0.81
O4 SO4 B . -1.22 1.55 2.37
S SO4 C . -1.20 19.25 8.00
O1 SO4 C . -2.01 18.09 8.41
O2 SO4 C . -2.06 20.43 8.12
O3 SO4 C . -0.86 19.22 6.57
O4 SO4 C . 0.01 19.27 8.87
#